data_9EIB
#
_entry.id   9EIB
#
_cell.length_a   92.692
_cell.length_b   92.692
_cell.length_c   78.079
_cell.angle_alpha   90.000
_cell.angle_beta   90.000
_cell.angle_gamma   120.000
#
_symmetry.space_group_name_H-M   'P 63 2 2'
#
loop_
_entity.id
_entity.type
_entity.pdbx_description
1 polymer 'Prophage anti-Thoeris 2 (ModTad2)'
2 non-polymer '(2~{S})-3-[1-[(2~{R},3~{R},4~{S},5~{R})-5-[[[[(2~{R},3~{S},4~{R},5~{R})-5-(6-aminopurin-9-yl)-3,4-bis(oxidanyl)oxolan-2-yl]methoxy-oxidanyl-phosphoryl]oxy-oxidanyl-phosphoryl]oxymethyl]-3,4-bis(oxidanyl)oxolan-2-yl]imidazol-4-yl]-2-azanyl-propanoic acid'
3 water water
#
_entity_poly.entity_id   1
_entity_poly.type   'polypeptide(L)'
_entity_poly.pdbx_seq_one_letter_code
;SMDSLNFGKALEALKEGKKVSREGWNGKGMFAYYVPGGVYKSQTDVIKNTFGEEVKYRPYLALKTVDNDIATWTPSVSDI
LAEDWNIVE
;
_entity_poly.pdbx_strand_id   A,B
#
loop_
_chem_comp.id
_chem_comp.type
_chem_comp.name
_chem_comp.formula
Y65 non-polymer '(2~{S})-3-[1-[(2~{R},3~{R},4~{S},5~{R})-5-[[[[(2~{R},3~{S},4~{R},5~{R})-5-(6-aminopurin-9-yl)-3,4-bis(oxidanyl)oxolan-2-yl]methoxy-oxidanyl-phosphoryl]oxy-oxidanyl-phosphoryl]oxymethyl]-3,4-bis(oxidanyl)oxolan-2-yl]imidazol-4-yl]-2-azanyl-propanoic acid' 'C21 H30 N8 O15 P2'
#
# COMPACT_ATOMS: atom_id res chain seq x y z
N SER A 4 3.90 21.40 7.76
CA SER A 4 3.33 20.16 7.20
C SER A 4 3.41 20.18 5.67
N LEU A 5 4.13 19.21 5.14
CA LEU A 5 4.50 19.15 3.73
C LEU A 5 3.58 18.23 2.93
N ASN A 6 3.57 18.45 1.62
CA ASN A 6 2.99 17.49 0.72
C ASN A 6 4.01 16.36 0.47
N PHE A 7 3.57 15.35 -0.29
CA PHE A 7 4.43 14.20 -0.50
C PHE A 7 5.64 14.55 -1.36
N GLY A 8 5.50 15.52 -2.27
CA GLY A 8 6.63 15.91 -3.10
C GLY A 8 7.83 16.37 -2.28
N LYS A 9 7.59 17.19 -1.26
CA LYS A 9 8.67 17.60 -0.39
C LYS A 9 9.15 16.46 0.49
N ALA A 10 8.23 15.61 0.98
CA ALA A 10 8.65 14.45 1.73
C ALA A 10 9.49 13.52 0.88
N LEU A 11 9.20 13.43 -0.43
CA LEU A 11 10.01 12.60 -1.32
C LEU A 11 11.44 13.14 -1.45
N GLU A 12 11.58 14.45 -1.70
CA GLU A 12 12.93 15.03 -1.75
C GLU A 12 13.68 14.76 -0.45
N ALA A 13 13.01 14.91 0.69
CA ALA A 13 13.63 14.61 1.98
C ALA A 13 14.11 13.15 2.03
N LEU A 14 13.26 12.21 1.64
CA LEU A 14 13.65 10.81 1.58
C LEU A 14 14.93 10.61 0.76
N LYS A 15 14.97 11.20 -0.45
CA LYS A 15 16.10 10.96 -1.34
C LYS A 15 17.39 11.56 -0.80
N GLU A 16 17.29 12.55 0.11
CA GLU A 16 18.44 13.13 0.77
C GLU A 16 18.79 12.43 2.06
N GLY A 17 18.12 11.33 2.38
CA GLY A 17 18.47 10.54 3.52
C GLY A 17 17.72 10.85 4.80
N LYS A 18 16.69 11.68 4.76
CA LYS A 18 15.95 11.97 5.98
C LYS A 18 14.79 10.99 6.21
N LYS A 19 14.25 11.04 7.42
CA LYS A 19 13.09 10.26 7.85
C LYS A 19 11.84 11.13 7.80
N VAL A 20 10.70 10.55 7.42
CA VAL A 20 9.45 11.30 7.30
C VAL A 20 8.32 10.50 7.92
N SER A 21 7.28 11.20 8.37
CA SER A 21 6.05 10.52 8.78
C SER A 21 4.88 11.45 8.53
N ARG A 22 3.68 10.92 8.72
CA ARG A 22 2.44 11.64 8.49
C ARG A 22 1.70 11.82 9.80
N GLU A 23 1.15 13.03 10.01
CA GLU A 23 0.31 13.26 11.18
C GLU A 23 -0.95 12.41 11.14
N GLY A 24 -1.50 12.16 9.95
CA GLY A 24 -2.72 11.38 9.84
C GLY A 24 -2.59 9.86 9.94
N TRP A 25 -1.39 9.34 10.15
CA TRP A 25 -1.23 7.90 10.33
C TRP A 25 -1.89 7.45 11.63
N ASN A 26 -2.52 6.26 11.60
CA ASN A 26 -3.20 5.74 12.77
C ASN A 26 -2.22 5.28 13.83
N GLY A 27 -1.21 4.51 13.44
CA GLY A 27 -0.12 4.19 14.34
C GLY A 27 0.78 5.39 14.58
N LYS A 28 1.35 5.45 15.79
CA LYS A 28 2.16 6.59 16.22
C LYS A 28 3.63 6.19 16.33
N GLY A 29 4.50 7.17 16.13
CA GLY A 29 5.93 6.93 16.27
C GLY A 29 6.58 6.22 15.10
N MET A 30 5.90 6.13 13.95
CA MET A 30 6.43 5.46 12.77
C MET A 30 7.16 6.47 11.88
N PHE A 31 8.07 5.95 11.06
CA PHE A 31 8.68 6.82 10.06
C PHE A 31 9.13 5.97 8.88
N ALA A 32 9.25 6.61 7.71
CA ALA A 32 9.77 5.96 6.52
C ALA A 32 11.14 6.54 6.16
N TYR A 33 11.91 5.76 5.41
CA TYR A 33 13.25 6.19 5.03
C TYR A 33 13.68 5.44 3.78
N TYR A 34 14.68 5.99 3.11
CA TYR A 34 15.17 5.50 1.82
C TYR A 34 16.35 4.55 2.04
N VAL A 35 16.42 3.49 1.23
CA VAL A 35 17.53 2.55 1.29
C VAL A 35 18.13 2.44 -0.11
N PRO A 36 19.43 2.68 -0.30
CA PRO A 36 20.00 2.65 -1.65
C PRO A 36 20.05 1.22 -2.20
N GLY A 37 20.18 1.14 -3.54
CA GLY A 37 20.37 -0.13 -4.20
C GLY A 37 21.82 -0.61 -4.12
N GLY A 38 22.07 -1.79 -4.67
CA GLY A 38 23.41 -2.32 -4.63
C GLY A 38 23.58 -3.56 -5.48
N VAL A 39 24.70 -4.25 -5.21
CA VAL A 39 25.05 -5.51 -5.85
C VAL A 39 25.51 -6.49 -4.77
N TYR A 40 25.12 -7.76 -4.90
CA TYR A 40 25.64 -8.82 -4.05
C TYR A 40 25.91 -10.06 -4.90
N LYS A 41 26.80 -10.92 -4.40
CA LYS A 41 27.27 -12.07 -5.15
C LYS A 41 26.31 -13.25 -5.00
N SER A 42 26.06 -13.94 -6.12
CA SER A 42 25.33 -15.20 -6.06
C SER A 42 26.20 -16.25 -5.37
N GLN A 43 25.63 -16.90 -4.35
CA GLN A 43 26.44 -17.77 -3.51
C GLN A 43 26.31 -19.25 -3.84
N THR A 44 25.21 -19.66 -4.45
CA THR A 44 25.07 -21.03 -4.89
C THR A 44 24.85 -21.06 -6.40
N ASP A 45 25.23 -22.19 -7.02
CA ASP A 45 24.98 -22.36 -8.45
C ASP A 45 23.49 -22.33 -8.76
N VAL A 46 22.65 -22.72 -7.80
CA VAL A 46 21.20 -22.59 -8.00
C VAL A 46 20.82 -21.13 -8.15
N ILE A 47 21.34 -20.28 -7.24
CA ILE A 47 21.13 -18.84 -7.36
C ILE A 47 21.88 -18.29 -8.57
N LYS A 48 23.10 -18.79 -8.81
CA LYS A 48 23.88 -18.34 -9.96
C LYS A 48 23.14 -18.58 -11.27
N ASN A 49 22.43 -19.70 -11.38
CA ASN A 49 21.67 -19.97 -12.60
C ASN A 49 20.47 -19.05 -12.72
N THR A 50 19.73 -18.84 -11.62
CA THR A 50 18.51 -18.05 -11.66
C THR A 50 18.80 -16.58 -11.94
N PHE A 51 19.79 -16.00 -11.26
CA PHE A 51 20.02 -14.55 -11.29
C PHE A 51 21.35 -14.15 -11.88
N GLY A 52 22.15 -15.08 -12.39
CA GLY A 52 23.49 -14.74 -12.83
C GLY A 52 24.49 -14.76 -11.67
N GLU A 53 25.73 -14.34 -11.99
CA GLU A 53 26.81 -14.47 -11.01
C GLU A 53 26.73 -13.40 -9.91
N GLU A 54 26.33 -12.17 -10.27
CA GLU A 54 26.10 -11.11 -9.29
C GLU A 54 24.80 -10.40 -9.60
N VAL A 55 24.13 -9.96 -8.54
CA VAL A 55 22.75 -9.52 -8.60
C VAL A 55 22.66 -8.06 -8.20
N LYS A 56 22.10 -7.24 -9.08
CA LYS A 56 21.80 -5.85 -8.78
C LYS A 56 20.41 -5.74 -8.17
N TYR A 57 20.28 -4.98 -7.08
CA TYR A 57 18.97 -4.74 -6.48
C TYR A 57 18.68 -3.25 -6.42
N ARG A 58 17.44 -2.88 -6.72
N ARG A 58 17.43 -2.87 -6.70
CA ARG A 58 17.04 -1.47 -6.80
CA ARG A 58 17.06 -1.48 -6.78
C ARG A 58 16.92 -0.85 -5.41
C ARG A 58 16.95 -0.85 -5.40
N PRO A 59 17.03 0.47 -5.30
CA PRO A 59 16.72 1.13 -4.03
C PRO A 59 15.25 0.93 -3.71
N TYR A 60 14.91 1.13 -2.43
CA TYR A 60 13.55 0.90 -1.98
C TYR A 60 13.29 1.82 -0.79
N LEU A 61 12.06 1.78 -0.27
CA LEU A 61 11.68 2.52 0.92
C LEU A 61 11.30 1.55 2.04
N ALA A 62 11.56 1.95 3.28
CA ALA A 62 11.27 1.13 4.46
C ALA A 62 10.50 1.95 5.49
N LEU A 63 9.74 1.23 6.33
CA LEU A 63 8.94 1.83 7.38
C LEU A 63 9.29 1.17 8.71
N LYS A 64 9.62 1.99 9.71
CA LYS A 64 9.71 1.55 11.11
C LYS A 64 8.29 1.52 11.66
N THR A 65 7.76 0.31 11.92
CA THR A 65 6.36 0.11 12.26
C THR A 65 6.14 0.32 13.75
N VAL A 66 4.86 0.25 14.18
CA VAL A 66 4.54 0.36 15.61
C VAL A 66 5.06 -0.83 16.39
N ASP A 67 5.36 -1.95 15.73
CA ASP A 67 5.94 -3.12 16.38
C ASP A 67 7.45 -3.01 16.51
N ASN A 68 8.04 -1.90 16.04
CA ASN A 68 9.47 -1.65 16.09
C ASN A 68 10.28 -2.59 15.19
N ASP A 69 9.67 -3.16 14.16
CA ASP A 69 10.42 -3.86 13.14
C ASP A 69 10.29 -3.09 11.82
N ILE A 70 11.08 -3.51 10.82
CA ILE A 70 11.19 -2.78 9.57
C ILE A 70 10.43 -3.50 8.48
N ALA A 71 9.52 -2.80 7.83
CA ALA A 71 8.76 -3.33 6.70
C ALA A 71 9.20 -2.64 5.42
N THR A 72 9.17 -3.35 4.30
CA THR A 72 9.25 -2.64 3.02
C THR A 72 7.96 -1.86 2.84
N TRP A 73 8.08 -0.68 2.26
CA TRP A 73 6.96 0.25 2.34
C TRP A 73 6.73 0.92 1.00
N THR A 74 5.46 1.01 0.64
CA THR A 74 4.94 1.76 -0.49
C THR A 74 3.88 2.71 0.07
N PRO A 75 3.95 4.01 -0.21
CA PRO A 75 2.88 4.90 0.25
C PRO A 75 1.53 4.45 -0.30
N SER A 76 0.48 4.67 0.48
CA SER A 76 -0.87 4.47 -0.02
C SER A 76 -1.29 5.70 -0.82
N VAL A 77 -2.45 5.62 -1.48
CA VAL A 77 -2.90 6.79 -2.23
C VAL A 77 -3.22 7.93 -1.29
N SER A 78 -3.77 7.62 -0.11
CA SER A 78 -3.97 8.66 0.89
C SER A 78 -2.65 9.27 1.33
N ASP A 79 -1.61 8.45 1.51
CA ASP A 79 -0.28 8.99 1.80
C ASP A 79 0.21 9.91 0.69
N ILE A 80 0.08 9.45 -0.56
CA ILE A 80 0.53 10.24 -1.70
C ILE A 80 -0.16 11.61 -1.75
N LEU A 81 -1.46 11.64 -1.47
CA LEU A 81 -2.24 12.85 -1.66
C LEU A 81 -2.24 13.77 -0.45
N ALA A 82 -1.72 13.30 0.68
CA ALA A 82 -1.81 14.03 1.95
C ALA A 82 -0.86 15.22 1.99
N GLU A 83 -1.19 16.17 2.86
CA GLU A 83 -0.34 17.34 3.04
C GLU A 83 -0.01 17.53 4.52
N ASP A 84 0.14 16.43 5.26
CA ASP A 84 0.48 16.45 6.68
C ASP A 84 1.79 15.71 6.94
N TRP A 85 2.71 15.72 5.98
CA TRP A 85 4.03 15.10 6.17
C TRP A 85 4.93 15.98 7.01
N ASN A 86 5.77 15.34 7.83
CA ASN A 86 6.77 16.04 8.62
C ASN A 86 8.08 15.26 8.56
N ILE A 87 9.19 16.00 8.49
CA ILE A 87 10.51 15.40 8.66
C ILE A 87 10.72 15.04 10.13
N VAL A 88 11.30 13.87 10.36
CA VAL A 88 11.51 13.31 11.69
C VAL A 88 13.00 13.40 12.00
N GLU A 89 13.33 13.99 13.15
CA GLU A 89 14.69 13.95 13.69
C GLU A 89 15.01 12.56 14.25
N ASP B 3 -10.89 -14.27 12.94
CA ASP B 3 -11.04 -15.71 12.72
C ASP B 3 -9.69 -16.36 12.38
N SER B 4 -8.64 -15.52 12.35
CA SER B 4 -7.28 -15.95 12.00
C SER B 4 -7.22 -16.67 10.64
N LEU B 5 -7.68 -15.96 9.61
CA LEU B 5 -7.56 -16.41 8.24
C LEU B 5 -6.30 -15.81 7.60
N ASN B 6 -5.75 -16.54 6.62
CA ASN B 6 -4.72 -15.96 5.80
C ASN B 6 -5.37 -15.10 4.72
N PHE B 7 -4.52 -14.46 3.89
CA PHE B 7 -5.08 -13.51 2.94
C PHE B 7 -5.80 -14.23 1.80
N GLY B 8 -5.39 -15.47 1.51
CA GLY B 8 -6.10 -16.22 0.48
C GLY B 8 -7.56 -16.41 0.85
N LYS B 9 -7.82 -16.71 2.13
CA LYS B 9 -9.18 -16.90 2.60
C LYS B 9 -9.90 -15.57 2.73
N ALA B 10 -9.19 -14.51 3.15
CA ALA B 10 -9.83 -13.20 3.14
C ALA B 10 -10.15 -12.76 1.71
N LEU B 11 -9.30 -13.11 0.75
CA LEU B 11 -9.55 -12.71 -0.63
C LEU B 11 -10.77 -13.44 -1.19
N GLU B 12 -10.91 -14.74 -0.91
CA GLU B 12 -12.12 -15.47 -1.31
C GLU B 12 -13.35 -14.80 -0.72
N ALA B 13 -13.28 -14.39 0.54
CA ALA B 13 -14.40 -13.69 1.16
C ALA B 13 -14.69 -12.38 0.45
N LEU B 14 -13.66 -11.61 0.12
CA LEU B 14 -13.86 -10.34 -0.59
C LEU B 14 -14.60 -10.59 -1.90
N LYS B 15 -14.13 -11.55 -2.68
CA LYS B 15 -14.73 -11.83 -3.99
C LYS B 15 -16.17 -12.32 -3.87
N GLU B 16 -16.54 -12.89 -2.72
CA GLU B 16 -17.91 -13.33 -2.46
C GLU B 16 -18.77 -12.22 -1.89
N GLY B 17 -18.22 -11.01 -1.74
CA GLY B 17 -19.00 -9.87 -1.30
C GLY B 17 -19.03 -9.66 0.20
N LYS B 18 -18.13 -10.28 0.94
CA LYS B 18 -18.07 -10.09 2.38
C LYS B 18 -17.11 -8.97 2.76
N LYS B 19 -17.25 -8.48 3.99
CA LYS B 19 -16.35 -7.51 4.59
C LYS B 19 -15.26 -8.22 5.34
N VAL B 20 -14.04 -7.69 5.30
CA VAL B 20 -12.91 -8.31 5.99
C VAL B 20 -12.09 -7.25 6.70
N SER B 21 -11.38 -7.68 7.75
CA SER B 21 -10.44 -6.79 8.43
C SER B 21 -9.39 -7.64 9.13
N ARG B 22 -8.39 -6.94 9.67
CA ARG B 22 -7.23 -7.55 10.32
C ARG B 22 -7.16 -7.12 11.77
N GLU B 23 -6.90 -8.07 12.68
CA GLU B 23 -6.65 -7.70 14.07
C GLU B 23 -5.47 -6.75 14.18
N GLY B 24 -4.45 -6.95 13.33
CA GLY B 24 -3.20 -6.21 13.40
C GLY B 24 -3.20 -4.82 12.81
N TRP B 25 -4.31 -4.39 12.24
CA TRP B 25 -4.44 -3.01 11.78
C TRP B 25 -4.40 -2.08 12.97
N ASN B 26 -3.79 -0.90 12.76
CA ASN B 26 -3.69 0.10 13.84
C ASN B 26 -5.01 0.81 14.08
N GLY B 27 -5.66 1.30 13.02
CA GLY B 27 -7.02 1.79 13.14
C GLY B 27 -7.99 0.66 13.42
N LYS B 28 -9.04 0.97 14.18
CA LYS B 28 -10.01 -0.04 14.59
C LYS B 28 -11.38 0.25 13.98
N GLY B 29 -12.21 -0.79 13.89
CA GLY B 29 -13.52 -0.63 13.28
C GLY B 29 -13.50 -0.47 11.77
N MET B 30 -12.39 -0.76 11.11
CA MET B 30 -12.29 -0.66 9.66
C MET B 30 -12.63 -2.00 9.00
N PHE B 31 -12.96 -1.94 7.72
CA PHE B 31 -13.12 -3.17 6.96
C PHE B 31 -12.93 -2.85 5.48
N ALA B 32 -12.47 -3.86 4.73
CA ALA B 32 -12.35 -3.77 3.28
C ALA B 32 -13.44 -4.59 2.59
N TYR B 33 -13.78 -4.19 1.35
CA TYR B 33 -14.79 -4.87 0.56
C TYR B 33 -14.51 -4.66 -0.92
N TYR B 34 -15.12 -5.53 -1.72
CA TYR B 34 -14.96 -5.59 -3.16
C TYR B 34 -16.03 -4.77 -3.86
N VAL B 35 -15.64 -4.09 -4.95
CA VAL B 35 -16.57 -3.34 -5.78
C VAL B 35 -16.44 -3.84 -7.20
N PRO B 36 -17.52 -4.29 -7.85
CA PRO B 36 -17.42 -4.81 -9.21
C PRO B 36 -17.06 -3.73 -10.22
N GLY B 37 -16.55 -4.18 -11.36
CA GLY B 37 -16.27 -3.30 -12.47
C GLY B 37 -17.54 -2.96 -13.21
N GLY B 38 -17.40 -2.13 -14.23
CA GLY B 38 -18.56 -1.70 -14.98
C GLY B 38 -18.19 -0.77 -16.12
N VAL B 39 -19.20 -0.10 -16.66
CA VAL B 39 -19.07 0.70 -17.87
C VAL B 39 -19.98 1.91 -17.75
N TYR B 40 -19.40 3.12 -17.77
CA TYR B 40 -20.21 4.33 -17.78
C TYR B 40 -19.94 5.15 -19.04
N LYS B 41 -20.99 5.80 -19.54
CA LYS B 41 -20.86 6.72 -20.67
C LYS B 41 -20.04 7.93 -20.28
N SER B 42 -19.30 8.46 -21.24
CA SER B 42 -18.45 9.63 -20.99
C SER B 42 -19.31 10.88 -20.78
N GLN B 43 -18.97 11.65 -19.74
CA GLN B 43 -19.83 12.73 -19.27
C GLN B 43 -19.75 13.95 -20.16
N THR B 44 -18.54 14.36 -20.56
CA THR B 44 -18.34 15.56 -21.36
C THR B 44 -17.63 15.23 -22.66
N ASP B 45 -17.66 16.19 -23.59
CA ASP B 45 -16.91 16.02 -24.83
C ASP B 45 -15.41 16.01 -24.57
N VAL B 46 -14.93 16.73 -23.56
CA VAL B 46 -13.52 16.65 -23.20
C VAL B 46 -13.18 15.24 -22.75
N ILE B 47 -14.07 14.60 -21.99
CA ILE B 47 -13.84 13.21 -21.62
C ILE B 47 -13.87 12.31 -22.84
N LYS B 48 -14.84 12.51 -23.73
CA LYS B 48 -14.93 11.72 -24.96
C LYS B 48 -13.66 11.82 -25.79
N ASN B 49 -12.99 12.96 -25.76
CA ASN B 49 -11.79 13.10 -26.58
C ASN B 49 -10.65 12.24 -26.07
N THR B 50 -10.67 11.87 -24.78
CA THR B 50 -9.65 11.01 -24.20
C THR B 50 -10.09 9.57 -24.09
N PHE B 51 -11.36 9.31 -23.78
CA PHE B 51 -11.79 7.95 -23.48
C PHE B 51 -12.71 7.33 -24.52
N GLY B 52 -13.17 8.09 -25.50
CA GLY B 52 -14.18 7.58 -26.40
C GLY B 52 -15.57 7.69 -25.80
N GLU B 53 -16.50 6.96 -26.40
CA GLU B 53 -17.90 7.07 -25.98
C GLU B 53 -18.13 6.41 -24.62
N GLU B 54 -17.51 5.27 -24.37
CA GLU B 54 -17.68 4.58 -23.10
C GLU B 54 -16.35 4.36 -22.42
N VAL B 55 -16.45 4.17 -21.11
CA VAL B 55 -15.34 3.94 -20.21
C VAL B 55 -15.63 2.63 -19.49
N LYS B 56 -14.77 1.64 -19.65
CA LYS B 56 -14.84 0.42 -18.86
C LYS B 56 -13.89 0.52 -17.67
N TYR B 57 -14.39 0.29 -16.46
CA TYR B 57 -13.55 0.33 -15.27
C TYR B 57 -13.51 -1.04 -14.61
N ARG B 58 -12.33 -1.39 -14.09
CA ARG B 58 -12.10 -2.70 -13.52
C ARG B 58 -12.68 -2.77 -12.11
N PRO B 59 -12.94 -3.97 -11.61
CA PRO B 59 -13.28 -4.10 -10.19
C PRO B 59 -12.14 -3.57 -9.33
N TYR B 60 -12.48 -3.17 -8.11
CA TYR B 60 -11.44 -2.67 -7.22
C TYR B 60 -11.82 -2.99 -5.78
N LEU B 61 -10.95 -2.62 -4.86
CA LEU B 61 -11.18 -2.84 -3.44
C LEU B 61 -11.33 -1.50 -2.72
N ALA B 62 -12.18 -1.47 -1.69
CA ALA B 62 -12.44 -0.25 -0.93
C ALA B 62 -12.24 -0.51 0.55
N LEU B 63 -11.89 0.55 1.27
CA LEU B 63 -11.71 0.49 2.72
C LEU B 63 -12.62 1.51 3.40
N LYS B 64 -13.42 1.06 4.37
CA LYS B 64 -14.09 1.98 5.29
C LYS B 64 -13.10 2.35 6.39
N THR B 65 -12.65 3.60 6.39
CA THR B 65 -11.54 4.04 7.23
C THR B 65 -12.02 4.38 8.64
N VAL B 66 -11.07 4.73 9.52
CA VAL B 66 -11.44 5.20 10.85
C VAL B 66 -12.27 6.47 10.77
N ASP B 67 -12.01 7.33 9.77
CA ASP B 67 -12.81 8.53 9.56
C ASP B 67 -14.19 8.23 9.01
N ASN B 68 -14.55 6.96 8.81
CA ASN B 68 -15.85 6.51 8.30
C ASN B 68 -16.11 6.96 6.88
N ASP B 69 -15.11 7.46 6.17
CA ASP B 69 -15.21 7.66 4.72
C ASP B 69 -14.59 6.46 4.01
N ILE B 70 -14.71 6.44 2.68
CA ILE B 70 -14.32 5.29 1.87
C ILE B 70 -13.10 5.66 1.06
N ALA B 71 -12.05 4.87 1.19
CA ALA B 71 -10.83 5.01 0.41
C ALA B 71 -10.73 3.85 -0.56
N THR B 72 -10.10 4.08 -1.71
CA THR B 72 -9.67 2.95 -2.50
C THR B 72 -8.53 2.27 -1.76
N TRP B 73 -8.37 0.99 -1.97
CA TRP B 73 -7.51 0.24 -1.07
C TRP B 73 -6.74 -0.80 -1.84
N THR B 74 -5.45 -0.93 -1.50
CA THR B 74 -4.65 -2.06 -1.96
C THR B 74 -3.92 -2.63 -0.75
N PRO B 75 -3.94 -3.95 -0.54
CA PRO B 75 -3.27 -4.52 0.63
C PRO B 75 -1.79 -4.20 0.63
N SER B 76 -1.24 -3.96 1.84
CA SER B 76 0.20 -3.87 1.95
C SER B 76 0.80 -5.29 1.95
N VAL B 77 2.12 -5.37 1.85
CA VAL B 77 2.76 -6.67 1.88
C VAL B 77 2.51 -7.33 3.22
N SER B 78 2.51 -6.53 4.30
CA SER B 78 2.22 -7.09 5.62
C SER B 78 0.78 -7.60 5.68
N ASP B 79 -0.15 -6.85 5.06
CA ASP B 79 -1.52 -7.34 4.92
C ASP B 79 -1.54 -8.69 4.20
N ILE B 80 -0.84 -8.77 3.07
CA ILE B 80 -0.85 -9.98 2.25
C ILE B 80 -0.31 -11.17 3.01
N LEU B 81 0.74 -10.98 3.82
CA LEU B 81 1.42 -12.07 4.51
C LEU B 81 0.82 -12.41 5.88
N ALA B 82 -0.12 -11.61 6.38
CA ALA B 82 -0.68 -11.78 7.72
C ALA B 82 -1.65 -12.95 7.78
N GLU B 83 -1.84 -13.46 8.99
CA GLU B 83 -2.75 -14.58 9.25
C GLU B 83 -3.70 -14.26 10.39
N ASP B 84 -4.10 -12.99 10.48
CA ASP B 84 -5.01 -12.50 11.50
C ASP B 84 -6.23 -11.85 10.89
N TRP B 85 -6.63 -12.29 9.70
CA TRP B 85 -7.80 -11.76 9.01
C TRP B 85 -9.08 -12.33 9.57
N ASN B 86 -10.14 -11.52 9.56
CA ASN B 86 -11.46 -12.04 9.94
C ASN B 86 -12.54 -11.49 9.03
N ILE B 87 -13.63 -12.24 8.90
CA ILE B 87 -14.85 -11.76 8.27
C ILE B 87 -15.62 -10.89 9.26
N VAL B 88 -16.10 -9.74 8.77
CA VAL B 88 -16.85 -8.77 9.57
C VAL B 88 -18.32 -8.88 9.18
N GLU B 89 -19.20 -8.80 10.17
CA GLU B 89 -20.64 -8.81 9.92
C GLU B 89 -21.14 -7.46 9.43
C01 Y65 C . 1.05 1.46 6.14
C01 Y65 C . -3.95 1.11 4.67
C02 Y65 C . 0.07 2.21 5.71
C02 Y65 C . -3.02 0.33 5.17
C03 Y65 C . 0.58 3.62 5.97
C03 Y65 C . -3.77 -0.90 5.65
C04 Y65 C . 1.36 3.46 7.33
C04 Y65 C . -5.12 -0.31 6.18
C16 Y65 C . -4.08 -0.81 7.72
C16 Y65 C . 0.62 4.39 7.59
C18 Y65 C . -3.22 -0.52 5.47
C18 Y65 C . 0.65 3.22 5.47
O05 Y65 C . 1.50 2.21 7.52
O05 Y65 C . -5.24 0.85 5.64
O21 Y65 C . -5.55 0.07 6.01
O21 Y65 C . 2.46 2.91 7.07
C06 Y65 C . 0.44 4.05 8.46
C06 Y65 C . -4.97 -0.18 7.74
C17 Y65 C . -4.46 -0.92 6.38
C17 Y65 C . 1.48 3.96 6.59
C19 Y65 C . -3.37 0.69 5.29
C19 Y65 C . 0.63 2.04 5.85
C20 Y65 C . -5.01 0.86 5.14
C20 Y65 C . 2.14 1.82 6.50
C23 Y65 C . -5.85 2.75 6.53
C23 Y65 C . 1.77 0.85 8.77
C25 Y65 C . -6.30 4.24 4.99
C25 Y65 C . 2.57 -1.14 8.50
C26 Y65 C . -6.64 5.33 4.17
C26 Y65 C . 3.02 -2.46 8.52
C28 Y65 C . -6.00 4.11 2.30
C28 Y65 C . 3.66 -2.30 6.29
C30 Y65 C . -5.79 3.11 4.38
C30 Y65 C . 2.68 -0.45 7.31
C37 Y65 C . 1.13 -1.00 5.81
C37 Y65 C . -3.68 3.38 3.72
C39 Y65 C . -0.30 -1.71 7.25
C39 Y65 C . -3.02 4.56 5.38
C40 Y65 C . -0.23 -0.32 7.31
C40 Y65 C . -3.21 3.24 5.78
C41 Y65 C . -1.18 -2.65 8.09
C41 Y65 C . -2.54 5.75 6.23
C42 Y65 C . -0.66 -2.78 9.52
C42 Y65 C . -3.64 6.49 6.99
C44 Y65 C . 0.60 -3.63 9.50
C44 Y65 C . -4.65 7.10 6.02
N22 Y65 C . -5.53 2.21 5.36
N22 Y65 C . 2.17 0.77 7.51
N24 Y65 C . -6.31 3.97 6.30
N24 Y65 C . 1.99 -0.30 9.39
N27 Y65 C . -6.47 5.21 2.86
N27 Y65 C . 3.55 -2.99 7.42
N29 Y65 C . -5.66 3.07 3.05
N29 Y65 C . 3.23 -1.06 6.23
N31 Y65 C . -7.18 6.58 4.72
N31 Y65 C . 2.89 -3.24 9.75
N36 Y65 C . 0.65 0.09 6.41
N36 Y65 C . -3.62 2.53 4.73
N38 Y65 C . 0.55 -2.09 6.31
N38 Y65 C . -3.31 4.59 4.10
N43 Y65 C . -0.34 -1.47 10.05
N43 Y65 C . -4.33 5.55 7.85
O07 Y65 C . -0.47 2.97 8.72
O07 Y65 C . -3.94 0.83 7.92
O09 Y65 C . -1.62 2.86 11.10
O09 Y65 C . -3.79 1.87 10.23
O10 Y65 C . -2.44 4.57 9.54
O10 Y65 C . -2.59 -0.29 9.88
O11 Y65 C . -2.98 2.12 8.99
O11 Y65 C . -1.68 1.89 8.73
O13 Y65 C . -3.03 -0.15 10.32
O13 Y65 C . -1.88 4.52 8.91
O14 Y65 C . -4.84 1.45 10.75
O14 Y65 C . -0.93 3.21 10.78
O15 Y65 C . -4.76 0.21 8.44
O15 Y65 C . 0.47 3.44 8.64
O32 Y65 C . -2.72 1.11 4.02
O32 Y65 C . 0.43 1.07 4.76
O33 Y65 C . -3.35 -1.28 4.16
O33 Y65 C . 1.44 3.42 4.21
O34 Y65 C . 1.40 4.04 4.99
O34 Y65 C . -4.03 -1.83 4.70
O35 Y65 C . -0.17 2.05 4.23
O35 Y65 C . -1.91 -0.04 4.20
O45 Y65 C . 1.73 -3.10 9.64
O45 Y65 C . -5.80 6.60 5.91
O46 Y65 C . 0.53 -4.86 9.31
O46 Y65 C . -4.34 8.11 5.33
P08 Y65 C . -1.88 3.18 9.66
P08 Y65 C . -2.99 1.03 9.28
P12 Y65 C . -3.90 0.91 9.69
P12 Y65 C . -1.04 3.33 9.29
#